data_6OXJ
#
_entry.id   6OXJ
#
_cell.length_a   73.884
_cell.length_b   78.069
_cell.length_c   91.444
_cell.angle_alpha   90.000
_cell.angle_beta   90.000
_cell.angle_gamma   90.000
#
_symmetry.space_group_name_H-M   'P 21 21 21'
#
loop_
_entity.id
_entity.type
_entity.pdbx_description
1 polymer 'Verruculogen synthase'
2 non-polymer 'FE (II) ION'
3 water water
#
_entity_poly.entity_id   1
_entity_poly.type   'polypeptide(L)'
_entity_poly.pdbx_seq_one_letter_code
;SMTVDSKPQLQRLAADADVDRMCRLLEEDGAFILKGLLPFDVVESFNRELDVQMAIPPPKGERLLADKYPPHFKYVPNVA
TTCPTFRNTVLINPVIHAICEAYFQRTGDYWLSAAFLREIESGMPAQPFHRDDATHPLMHFQPLEAPPVSLSVIFPLTEF
TEENGATEVILGSHRWTEVGTPERDQAVLATMDPGDVLIVRQRVVHAGGGNRTTAGKPRRVVLAYFNSVQLTPFETYRTM
PREMVESMTVLGQRMLGWRTMKPSDPNIVGINLIDDKRLENVLQLKAADSPA
;
_entity_poly.pdbx_strand_id   A,B
#
loop_
_chem_comp.id
_chem_comp.type
_chem_comp.name
_chem_comp.formula
FE2 non-polymer 'FE (II) ION' 'Fe 2'
#
# COMPACT_ATOMS: atom_id res chain seq x y z
N LYS A 7 24.86 -31.17 -3.36
CA LYS A 7 23.72 -30.30 -2.92
C LYS A 7 24.04 -28.82 -3.17
N PRO A 8 23.32 -28.19 -4.12
CA PRO A 8 23.61 -26.79 -4.49
C PRO A 8 23.54 -25.83 -3.31
N GLN A 9 24.52 -24.95 -3.19
CA GLN A 9 24.56 -23.96 -2.10
C GLN A 9 24.13 -22.59 -2.60
N LEU A 10 23.79 -21.71 -1.66
CA LEU A 10 23.56 -20.31 -1.99
C LEU A 10 24.79 -19.76 -2.69
N GLN A 11 24.60 -19.06 -3.80
CA GLN A 11 25.71 -18.45 -4.52
C GLN A 11 26.20 -17.22 -3.77
N ARG A 12 27.52 -17.10 -3.64
CA ARG A 12 28.16 -15.94 -3.05
C ARG A 12 28.79 -15.10 -4.17
N LEU A 13 28.32 -13.86 -4.33
CA LEU A 13 28.81 -12.95 -5.36
C LEU A 13 29.59 -11.80 -4.73
N ALA A 14 30.62 -11.31 -5.43
CA ALA A 14 31.31 -10.10 -5.01
C ALA A 14 30.35 -8.92 -5.10
N ALA A 15 30.56 -7.94 -4.24
CA ALA A 15 29.68 -6.75 -4.18
C ALA A 15 29.65 -6.01 -5.51
N ASP A 16 30.74 -6.07 -6.26
CA ASP A 16 30.83 -5.40 -7.56
C ASP A 16 30.49 -6.32 -8.75
N ALA A 17 29.80 -7.44 -8.48
CA ALA A 17 29.43 -8.37 -9.53
C ALA A 17 28.33 -7.81 -10.42
N ASP A 18 28.08 -8.51 -11.52
CA ASP A 18 27.08 -8.12 -12.51
C ASP A 18 25.67 -8.19 -11.93
N VAL A 19 24.91 -7.09 -12.06
CA VAL A 19 23.56 -7.02 -11.49
C VAL A 19 22.59 -7.94 -12.23
N ASP A 20 22.78 -8.12 -13.54
CA ASP A 20 21.93 -9.05 -14.29
C ASP A 20 22.14 -10.50 -13.83
N ARG A 21 23.38 -10.85 -13.49
CA ARG A 21 23.68 -12.14 -12.86
C ARG A 21 22.89 -12.31 -11.56
N MET A 22 22.89 -11.27 -10.74
CA MET A 22 22.16 -11.27 -9.47
C MET A 22 20.67 -11.49 -9.68
N CYS A 23 20.09 -10.78 -10.64
CA CYS A 23 18.66 -10.87 -10.92
C CYS A 23 18.28 -12.26 -11.42
N ARG A 24 19.15 -12.87 -12.22
CA ARG A 24 18.91 -14.23 -12.72
C ARG A 24 19.02 -15.28 -11.60
N LEU A 25 19.86 -15.03 -10.60
CA LEU A 25 19.94 -15.91 -9.44
C LEU A 25 18.65 -15.85 -8.60
N LEU A 26 18.08 -14.66 -8.47
CA LEU A 26 16.79 -14.51 -7.79
C LEU A 26 15.70 -15.29 -8.50
N GLU A 27 15.71 -15.28 -9.83
CA GLU A 27 14.70 -16.02 -10.59
C GLU A 27 14.90 -17.55 -10.50
N GLU A 28 16.15 -18.01 -10.53
CA GLU A 28 16.42 -19.45 -10.48
C GLU A 28 16.42 -19.98 -9.05
N ASP A 29 17.35 -19.49 -8.23
CA ASP A 29 17.50 -19.99 -6.86
C ASP A 29 16.55 -19.33 -5.86
N GLY A 30 16.21 -18.06 -6.11
CA GLY A 30 15.34 -17.32 -5.19
C GLY A 30 16.09 -16.48 -4.17
N ALA A 31 17.42 -16.62 -4.13
CA ALA A 31 18.24 -15.94 -3.13
C ALA A 31 19.70 -16.04 -3.51
N PHE A 32 20.49 -15.10 -3.01
CA PHE A 32 21.94 -15.13 -3.12
C PHE A 32 22.56 -14.23 -2.06
N ILE A 33 23.87 -14.33 -1.91
CA ILE A 33 24.60 -13.53 -0.93
C ILE A 33 25.61 -12.62 -1.61
N LEU A 34 25.60 -11.33 -1.23
CA LEU A 34 26.66 -10.39 -1.62
C LEU A 34 27.73 -10.42 -0.56
N LYS A 35 28.98 -10.61 -0.97
CA LYS A 35 30.12 -10.64 -0.05
C LYS A 35 30.76 -9.26 0.07
N GLY A 36 30.96 -8.82 1.32
CA GLY A 36 31.67 -7.57 1.59
C GLY A 36 31.07 -6.34 0.95
N LEU A 37 29.74 -6.24 0.99
CA LEU A 37 29.06 -5.07 0.46
C LEU A 37 29.34 -3.83 1.31
N LEU A 38 29.16 -3.97 2.61
CA LEU A 38 29.37 -2.85 3.54
C LEU A 38 30.77 -2.93 4.13
N PRO A 39 31.52 -1.82 4.10
CA PRO A 39 32.85 -1.85 4.71
C PRO A 39 32.76 -1.96 6.24
N PHE A 40 33.83 -2.46 6.85
CA PHE A 40 33.87 -2.70 8.30
C PHE A 40 33.46 -1.49 9.13
N ASP A 41 33.95 -0.30 8.76
CA ASP A 41 33.65 0.93 9.51
C ASP A 41 32.16 1.25 9.53
N VAL A 42 31.47 0.97 8.42
CA VAL A 42 30.03 1.23 8.31
C VAL A 42 29.25 0.25 9.19
N VAL A 43 29.65 -1.02 9.13
CA VAL A 43 29.03 -2.06 9.95
C VAL A 43 29.23 -1.76 11.44
N GLU A 44 30.45 -1.39 11.80
CA GLU A 44 30.79 -1.06 13.19
C GLU A 44 29.98 0.16 13.68
N SER A 45 29.89 1.18 12.84
CA SER A 45 29.11 2.37 13.17
C SER A 45 27.64 2.03 13.41
N PHE A 46 27.07 1.24 12.50
CA PHE A 46 25.68 0.84 12.59
C PHE A 46 25.45 0.01 13.86
N ASN A 47 26.38 -0.90 14.16
CA ASN A 47 26.29 -1.72 15.37
C ASN A 47 26.26 -0.91 16.67
N ARG A 48 27.07 0.15 16.75
CA ARG A 48 27.04 1.03 17.92
C ARG A 48 25.68 1.70 18.08
N GLU A 49 25.10 2.13 16.96
CA GLU A 49 23.77 2.74 16.98
C GLU A 49 22.71 1.74 17.44
N LEU A 50 22.86 0.48 17.02
CA LEU A 50 21.91 -0.57 17.42
C LEU A 50 22.12 -0.99 18.88
N ASP A 51 23.37 -1.01 19.36
CA ASP A 51 23.64 -1.20 20.79
C ASP A 51 22.80 -0.26 21.63
N VAL A 52 22.80 1.02 21.25
CA VAL A 52 22.07 2.05 21.99
C VAL A 52 20.59 1.73 22.06
N GLN A 53 19.99 1.31 20.94
CA GLN A 53 18.56 1.02 20.91
C GLN A 53 18.23 -0.26 21.69
N MET A 54 19.13 -1.23 21.68
CA MET A 54 18.96 -2.45 22.48
C MET A 54 18.97 -2.15 23.97
N ALA A 55 19.72 -1.11 24.36
CA ALA A 55 19.86 -0.74 25.77
C ALA A 55 18.67 0.01 26.36
N ILE A 56 17.82 0.60 25.51
CA ILE A 56 16.66 1.34 26.01
C ILE A 56 15.64 0.36 26.59
N PRO A 57 15.23 0.55 27.85
CA PRO A 57 14.34 -0.42 28.47
C PRO A 57 12.94 -0.45 27.84
N PRO A 58 12.22 -1.58 28.00
CA PRO A 58 10.88 -1.74 27.41
C PRO A 58 9.94 -0.56 27.68
N PRO A 59 9.28 -0.03 26.63
CA PRO A 59 8.28 1.03 26.81
C PRO A 59 7.15 0.64 27.77
N LYS A 60 6.56 1.64 28.41
CA LYS A 60 5.58 1.42 29.48
C LYS A 60 4.29 0.78 28.97
N GLY A 61 3.69 1.38 27.94
CA GLY A 61 2.39 0.95 27.45
C GLY A 61 2.44 -0.02 26.28
N GLU A 62 1.63 0.25 25.27
CA GLU A 62 1.40 -0.66 24.15
C GLU A 62 2.61 -0.78 23.23
N ARG A 63 2.93 -2.02 22.87
CA ARG A 63 3.94 -2.32 21.85
C ARG A 63 3.28 -3.25 20.84
N LEU A 64 2.87 -2.68 19.71
CA LEU A 64 1.95 -3.38 18.80
C LEU A 64 2.44 -4.75 18.34
N LEU A 65 3.68 -4.83 17.88
CA LEU A 65 4.25 -6.10 17.43
C LEU A 65 4.77 -6.91 18.62
N ALA A 66 5.55 -6.27 19.50
CA ALA A 66 6.18 -6.97 20.61
C ALA A 66 5.19 -7.64 21.57
N ASP A 67 4.06 -6.97 21.83
CA ASP A 67 3.04 -7.54 22.73
C ASP A 67 2.43 -8.84 22.19
N LYS A 68 2.64 -9.12 20.92
CA LYS A 68 2.08 -10.30 20.28
C LYS A 68 3.03 -11.51 20.35
N TYR A 69 4.25 -11.32 20.84
CA TYR A 69 5.23 -12.39 20.95
C TYR A 69 5.67 -12.58 22.40
N PRO A 70 6.36 -13.69 22.71
CA PRO A 70 6.75 -13.92 24.10
C PRO A 70 7.68 -12.83 24.66
N PRO A 71 7.77 -12.71 25.99
CA PRO A 71 8.59 -11.67 26.63
C PRO A 71 10.07 -11.64 26.20
N HIS A 72 10.59 -12.74 25.67
CA HIS A 72 11.99 -12.82 25.26
C HIS A 72 12.30 -12.17 23.91
N PHE A 73 11.25 -11.80 23.19
CA PHE A 73 11.37 -11.23 21.84
C PHE A 73 12.23 -9.97 21.84
N LYS A 74 13.37 -10.02 21.14
CA LYS A 74 14.29 -8.88 21.06
C LYS A 74 14.13 -8.22 19.68
N TYR A 75 13.69 -6.97 19.69
CA TYR A 75 13.21 -6.30 18.48
C TYR A 75 13.30 -4.80 18.63
N VAL A 76 13.84 -4.12 17.62
CA VAL A 76 13.84 -2.67 17.56
C VAL A 76 13.30 -2.25 16.20
N PRO A 77 12.17 -1.53 16.18
CA PRO A 77 11.53 -1.15 14.95
C PRO A 77 12.13 0.10 14.32
N ASN A 78 11.86 0.26 13.03
CA ASN A 78 12.17 1.48 12.26
C ASN A 78 13.52 2.11 12.58
N VAL A 79 14.57 1.34 12.37
CA VAL A 79 15.94 1.77 12.61
C VAL A 79 16.35 2.99 11.78
N ALA A 80 15.65 3.25 10.66
CA ALA A 80 15.89 4.46 9.88
C ALA A 80 15.76 5.75 10.72
N THR A 81 14.85 5.76 11.67
CA THR A 81 14.60 6.98 12.47
C THR A 81 15.61 7.20 13.60
N THR A 82 16.33 6.14 14.00
CA THR A 82 17.23 6.20 15.16
C THR A 82 18.69 5.90 14.87
N CYS A 83 19.00 5.42 13.66
CA CYS A 83 20.35 4.98 13.31
C CYS A 83 20.83 5.73 12.06
N PRO A 84 21.57 6.84 12.25
CA PRO A 84 22.02 7.65 11.12
C PRO A 84 22.78 6.87 10.05
N THR A 85 23.58 5.89 10.47
CA THR A 85 24.36 5.12 9.51
C THR A 85 23.46 4.33 8.57
N PHE A 86 22.32 3.84 9.07
CA PHE A 86 21.37 3.20 8.18
C PHE A 86 20.71 4.20 7.23
N ARG A 87 20.16 5.27 7.80
CA ARG A 87 19.47 6.33 7.07
C ARG A 87 20.32 6.98 5.98
N ASN A 88 21.57 7.29 6.32
CA ASN A 88 22.44 8.09 5.46
C ASN A 88 23.37 7.28 4.55
N THR A 89 23.58 6.00 4.87
CA THR A 89 24.53 5.18 4.13
C THR A 89 23.95 3.87 3.63
N VAL A 90 23.52 3.01 4.54
CA VAL A 90 23.08 1.67 4.18
C VAL A 90 21.82 1.71 3.30
N LEU A 91 20.85 2.52 3.69
CA LEU A 91 19.56 2.62 2.98
C LEU A 91 19.70 2.99 1.51
N ILE A 92 20.74 3.76 1.17
CA ILE A 92 20.93 4.27 -0.19
C ILE A 92 22.09 3.58 -0.93
N ASN A 93 22.48 2.40 -0.46
CA ASN A 93 23.57 1.67 -1.07
C ASN A 93 23.32 1.44 -2.56
N PRO A 94 24.26 1.86 -3.43
CA PRO A 94 23.99 1.77 -4.87
C PRO A 94 23.79 0.35 -5.40
N VAL A 95 24.45 -0.65 -4.82
CA VAL A 95 24.29 -2.03 -5.31
C VAL A 95 22.89 -2.55 -4.98
N ILE A 96 22.45 -2.29 -3.76
CA ILE A 96 21.10 -2.68 -3.36
C ILE A 96 20.06 -2.09 -4.30
N HIS A 97 20.23 -0.81 -4.65
CA HIS A 97 19.26 -0.17 -5.52
C HIS A 97 19.36 -0.60 -6.98
N ALA A 98 20.56 -0.95 -7.43
CA ALA A 98 20.70 -1.55 -8.75
C ALA A 98 19.91 -2.87 -8.83
N ILE A 99 20.01 -3.67 -7.77
CA ILE A 99 19.26 -4.92 -7.67
C ILE A 99 17.76 -4.64 -7.67
N CYS A 100 17.33 -3.71 -6.81
CA CYS A 100 15.91 -3.36 -6.72
C CYS A 100 15.35 -2.87 -8.05
N GLU A 101 16.09 -2.01 -8.73
CA GLU A 101 15.63 -1.48 -10.02
C GLU A 101 15.40 -2.58 -11.06
N ALA A 102 16.32 -3.53 -11.12
CA ALA A 102 16.19 -4.67 -12.02
C ALA A 102 15.03 -5.58 -11.59
N TYR A 103 15.00 -5.92 -10.31
CA TYR A 103 13.98 -6.81 -9.75
C TYR A 103 12.56 -6.27 -9.92
N PHE A 104 12.39 -4.98 -9.71
CA PHE A 104 11.07 -4.33 -9.75
C PHE A 104 10.73 -3.69 -11.10
N GLN A 105 11.49 -4.01 -12.15
CA GLN A 105 11.26 -3.41 -13.47
C GLN A 105 9.79 -3.48 -13.90
N ARG A 106 9.18 -4.64 -13.69
CA ARG A 106 7.80 -4.86 -14.14
C ARG A 106 6.76 -4.17 -13.27
N THR A 107 7.03 -4.03 -11.97
CA THR A 107 6.05 -3.42 -11.07
C THR A 107 6.20 -1.90 -10.94
N GLY A 108 7.39 -1.37 -11.22
CA GLY A 108 7.63 0.06 -11.12
C GLY A 108 8.34 0.41 -9.83
N ASP A 109 8.03 1.59 -9.29
CA ASP A 109 8.77 2.08 -8.13
C ASP A 109 8.56 1.24 -6.88
N TYR A 110 9.57 1.27 -6.02
CA TYR A 110 9.59 0.55 -4.76
C TYR A 110 9.96 1.51 -3.64
N TRP A 111 9.66 1.14 -2.40
CA TRP A 111 10.09 1.89 -1.22
C TRP A 111 10.26 0.98 -0.02
N LEU A 112 10.70 1.55 1.10
CA LEU A 112 10.97 0.77 2.30
C LEU A 112 9.68 0.56 3.10
N SER A 113 9.25 -0.69 3.23
CA SER A 113 8.09 -1.01 4.05
C SER A 113 8.47 -1.07 5.53
N ALA A 114 9.64 -1.62 5.80
CA ALA A 114 10.15 -1.73 7.17
C ALA A 114 11.63 -2.04 7.14
N ALA A 115 12.35 -1.54 8.14
CA ALA A 115 13.69 -2.03 8.44
C ALA A 115 13.86 -2.04 9.95
N PHE A 116 14.14 -3.22 10.49
CA PHE A 116 14.14 -3.43 11.93
C PHE A 116 15.23 -4.38 12.37
N LEU A 117 15.54 -4.32 13.66
CA LEU A 117 16.57 -5.13 14.29
C LEU A 117 15.96 -6.32 15.01
N ARG A 118 16.62 -7.46 14.90
CA ARG A 118 16.34 -8.62 15.73
C ARG A 118 17.66 -9.09 16.35
N GLU A 119 17.59 -9.53 17.60
CA GLU A 119 18.67 -10.32 18.21
C GLU A 119 18.08 -11.65 18.62
N ILE A 120 18.75 -12.73 18.24
CA ILE A 120 18.31 -14.08 18.54
C ILE A 120 19.33 -14.67 19.52
N GLU A 121 18.89 -14.86 20.76
CA GLU A 121 19.78 -15.28 21.84
C GLU A 121 19.96 -16.78 21.86
N SER A 122 21.05 -17.21 22.50
CA SER A 122 21.34 -18.62 22.75
C SER A 122 20.13 -19.34 23.35
N GLY A 123 19.87 -20.54 22.84
CA GLY A 123 18.76 -21.37 23.32
C GLY A 123 17.46 -21.20 22.55
N MET A 124 17.51 -20.52 21.41
CA MET A 124 16.32 -20.38 20.57
C MET A 124 16.27 -21.46 19.50
N PRO A 125 15.10 -22.09 19.35
CA PRO A 125 14.95 -23.12 18.33
C PRO A 125 14.80 -22.47 16.97
N ALA A 126 15.08 -23.25 15.92
CA ALA A 126 14.86 -22.78 14.55
C ALA A 126 13.37 -22.54 14.33
N GLN A 127 13.06 -21.59 13.44
CA GLN A 127 11.69 -21.34 13.03
C GLN A 127 11.19 -22.47 12.13
N PRO A 128 9.86 -22.63 12.03
CA PRO A 128 9.31 -23.50 11.00
C PRO A 128 9.48 -22.87 9.62
N PHE A 129 9.56 -23.69 8.59
CA PHE A 129 9.62 -23.18 7.22
C PHE A 129 8.35 -22.42 6.88
N HIS A 130 8.50 -21.29 6.21
CA HIS A 130 7.39 -20.42 5.88
C HIS A 130 7.75 -19.45 4.76
N ARG A 131 6.75 -18.70 4.33
CA ARG A 131 6.95 -17.58 3.41
C ARG A 131 6.61 -16.28 4.13
N ASP A 132 7.28 -15.20 3.74
CA ASP A 132 6.99 -13.87 4.29
C ASP A 132 5.83 -13.24 3.51
N ASP A 133 4.61 -13.69 3.80
CA ASP A 133 3.41 -13.22 3.10
C ASP A 133 2.29 -12.83 4.08
N ALA A 134 2.68 -12.47 5.31
CA ALA A 134 1.73 -12.18 6.37
C ALA A 134 1.42 -10.68 6.52
N THR A 135 2.40 -9.81 6.32
CA THR A 135 2.20 -8.38 6.53
C THR A 135 1.19 -7.81 5.55
N HIS A 136 1.31 -8.19 4.28
CA HIS A 136 0.33 -7.87 3.25
C HIS A 136 -0.25 -9.18 2.72
N PRO A 137 -1.26 -9.72 3.41
CA PRO A 137 -1.84 -11.02 3.04
C PRO A 137 -2.26 -11.19 1.58
N LEU A 138 -2.53 -10.10 0.87
CA LEU A 138 -2.90 -10.20 -0.55
C LEU A 138 -1.79 -10.87 -1.37
N MET A 139 -0.54 -10.77 -0.91
CA MET A 139 0.59 -11.39 -1.59
C MET A 139 0.46 -12.90 -1.70
N HIS A 140 -0.24 -13.51 -0.76
CA HIS A 140 -0.49 -14.95 -0.78
C HIS A 140 -1.19 -15.42 -2.06
N PHE A 141 -1.98 -14.55 -2.68
CA PHE A 141 -2.78 -14.91 -3.85
C PHE A 141 -2.19 -14.46 -5.18
N GLN A 142 -1.05 -13.75 -5.12
CA GLN A 142 -0.35 -13.33 -6.33
C GLN A 142 0.26 -14.55 -7.02
N PRO A 143 -0.04 -14.76 -8.31
CA PRO A 143 0.57 -15.90 -9.00
C PRO A 143 2.07 -15.69 -9.24
N LEU A 144 2.78 -16.80 -9.44
CA LEU A 144 4.22 -16.78 -9.67
C LEU A 144 4.64 -15.82 -10.78
N GLU A 145 3.83 -15.75 -11.84
CA GLU A 145 4.16 -15.02 -13.06
C GLU A 145 3.91 -13.51 -12.92
N ALA A 146 3.22 -13.10 -11.86
CA ALA A 146 2.95 -11.69 -11.62
C ALA A 146 4.24 -10.94 -11.30
N PRO A 147 4.29 -9.63 -11.62
CA PRO A 147 5.44 -8.82 -11.23
C PRO A 147 5.67 -8.91 -9.72
N PRO A 148 6.91 -9.19 -9.28
CA PRO A 148 7.15 -9.22 -7.84
C PRO A 148 6.86 -7.88 -7.16
N VAL A 149 6.37 -7.93 -5.93
CA VAL A 149 6.04 -6.72 -5.18
C VAL A 149 6.83 -6.58 -3.87
N SER A 150 7.67 -7.54 -3.53
CA SER A 150 8.43 -7.50 -2.29
C SER A 150 9.79 -8.17 -2.45
N LEU A 151 10.81 -7.55 -1.83
CA LEU A 151 12.16 -8.10 -1.79
C LEU A 151 12.69 -7.95 -0.38
N SER A 152 13.35 -9.00 0.12
CA SER A 152 13.94 -9.00 1.45
C SER A 152 15.45 -8.82 1.37
N VAL A 153 15.97 -7.89 2.16
CA VAL A 153 17.39 -7.59 2.19
C VAL A 153 17.81 -7.77 3.66
N ILE A 154 18.67 -8.76 3.90
CA ILE A 154 18.97 -9.20 5.26
C ILE A 154 20.44 -8.93 5.58
N PHE A 155 20.67 -8.09 6.59
CA PHE A 155 22.02 -7.68 6.98
C PHE A 155 22.47 -8.41 8.23
N PRO A 156 23.41 -9.36 8.10
CA PRO A 156 24.00 -9.93 9.31
C PRO A 156 24.89 -8.91 10.01
N LEU A 157 24.67 -8.67 11.29
CA LEU A 157 25.49 -7.73 12.04
C LEU A 157 26.43 -8.42 13.02
N THR A 158 26.19 -9.71 13.24
CA THR A 158 27.19 -10.63 13.78
C THR A 158 27.39 -11.69 12.72
N GLU A 159 28.41 -12.53 12.90
CA GLU A 159 28.56 -13.69 12.02
C GLU A 159 27.28 -14.54 12.10
N PHE A 160 26.92 -15.11 10.95
CA PHE A 160 25.87 -16.12 10.84
C PHE A 160 26.59 -17.45 10.62
N THR A 161 26.44 -18.36 11.57
CA THR A 161 27.12 -19.65 11.52
C THR A 161 26.11 -20.79 11.57
N GLU A 162 26.59 -22.01 11.36
CA GLU A 162 25.73 -23.18 11.44
C GLU A 162 25.17 -23.32 12.87
N GLU A 163 26.01 -23.02 13.86
CA GLU A 163 25.64 -23.16 15.27
C GLU A 163 24.69 -22.06 15.76
N ASN A 164 24.89 -20.82 15.31
CA ASN A 164 24.14 -19.69 15.88
C ASN A 164 22.90 -19.25 15.09
N GLY A 165 22.53 -20.02 14.07
CA GLY A 165 21.24 -19.85 13.40
C GLY A 165 21.24 -19.16 12.06
N ALA A 166 22.29 -19.37 11.26
CA ALA A 166 22.28 -18.89 9.88
C ALA A 166 20.97 -19.25 9.21
N THR A 167 20.44 -18.32 8.42
CA THR A 167 19.13 -18.48 7.80
C THR A 167 19.11 -19.73 6.92
N GLU A 168 18.03 -20.49 7.02
CA GLU A 168 17.84 -21.71 6.23
C GLU A 168 16.96 -21.36 5.05
N VAL A 169 17.45 -21.61 3.85
CA VAL A 169 16.75 -21.24 2.62
C VAL A 169 16.62 -22.46 1.73
N ILE A 170 15.42 -22.69 1.20
CA ILE A 170 15.21 -23.77 0.25
C ILE A 170 15.25 -23.18 -1.15
N LEU A 171 16.30 -23.50 -1.88
CA LEU A 171 16.52 -22.93 -3.20
C LEU A 171 15.43 -23.40 -4.16
N GLY A 172 14.92 -22.46 -4.97
CA GLY A 172 13.91 -22.76 -5.97
C GLY A 172 12.48 -22.87 -5.44
N SER A 173 12.30 -22.73 -4.13
CA SER A 173 11.01 -23.00 -3.49
C SER A 173 9.93 -21.95 -3.77
N HIS A 174 10.32 -20.81 -4.33
CA HIS A 174 9.36 -19.83 -4.82
C HIS A 174 8.44 -20.39 -5.92
N ARG A 175 8.90 -21.43 -6.62
CA ARG A 175 8.09 -22.10 -7.64
C ARG A 175 7.06 -23.09 -7.06
N TRP A 176 7.19 -23.46 -5.79
CA TRP A 176 6.23 -24.39 -5.17
C TRP A 176 4.86 -23.74 -5.04
N THR A 177 3.81 -24.55 -5.16
CA THR A 177 2.45 -24.07 -4.98
C THR A 177 2.23 -23.63 -3.53
N GLU A 178 2.70 -24.46 -2.61
CA GLU A 178 2.58 -24.17 -1.18
C GLU A 178 3.85 -24.57 -0.44
N VAL A 179 3.93 -24.15 0.83
CA VAL A 179 5.08 -24.46 1.67
C VAL A 179 5.19 -25.97 1.90
N GLY A 180 4.06 -26.59 2.24
CA GLY A 180 4.03 -28.02 2.54
C GLY A 180 4.74 -28.30 3.84
N THR A 181 5.36 -29.47 3.93
CA THR A 181 6.13 -29.86 5.12
C THR A 181 7.51 -30.38 4.69
N PRO A 182 8.39 -29.45 4.26
CA PRO A 182 9.73 -29.85 3.83
C PRO A 182 10.62 -30.25 5.00
N GLU A 183 11.60 -31.10 4.74
CA GLU A 183 12.57 -31.52 5.75
C GLU A 183 13.70 -30.50 5.83
N ARG A 184 14.36 -30.45 6.98
CA ARG A 184 15.45 -29.49 7.22
C ARG A 184 16.58 -29.63 6.21
N ASP A 185 16.86 -30.87 5.79
CA ASP A 185 17.96 -31.11 4.86
C ASP A 185 17.66 -30.70 3.41
N GLN A 186 16.45 -30.19 3.15
CA GLN A 186 16.14 -29.58 1.85
C GLN A 186 16.68 -28.16 1.76
N ALA A 187 16.94 -27.54 2.92
CA ALA A 187 17.43 -26.17 2.95
C ALA A 187 18.95 -26.11 2.99
N VAL A 188 19.50 -24.96 2.59
CA VAL A 188 20.92 -24.66 2.75
C VAL A 188 21.07 -23.41 3.60
N LEU A 189 22.26 -23.21 4.14
CA LEU A 189 22.49 -22.15 5.13
C LEU A 189 23.09 -20.88 4.54
N ALA A 190 22.57 -19.75 4.98
CA ALA A 190 23.14 -18.44 4.66
C ALA A 190 24.20 -18.07 5.71
N THR A 191 25.27 -18.86 5.75
CA THR A 191 26.42 -18.52 6.58
C THR A 191 27.11 -17.31 5.95
N MET A 192 27.34 -16.29 6.77
CA MET A 192 27.77 -14.97 6.32
C MET A 192 28.51 -14.28 7.44
N ASP A 193 29.26 -13.24 7.07
CA ASP A 193 29.92 -12.38 8.03
C ASP A 193 29.36 -10.97 7.95
N PRO A 194 29.53 -10.18 9.02
CA PRO A 194 29.14 -8.78 8.96
C PRO A 194 29.79 -8.09 7.76
N GLY A 195 29.00 -7.31 7.03
CA GLY A 195 29.45 -6.74 5.76
C GLY A 195 28.80 -7.42 4.56
N ASP A 196 28.41 -8.68 4.73
CA ASP A 196 27.68 -9.41 3.69
C ASP A 196 26.21 -9.04 3.73
N VAL A 197 25.47 -9.42 2.68
CA VAL A 197 24.02 -9.26 2.66
C VAL A 197 23.40 -10.49 2.01
N LEU A 198 22.26 -10.93 2.56
CA LEU A 198 21.43 -11.97 1.94
C LEU A 198 20.24 -11.30 1.28
N ILE A 199 20.02 -11.63 0.00
CA ILE A 199 18.89 -11.10 -0.76
C ILE A 199 17.95 -12.26 -1.05
N VAL A 200 16.67 -12.09 -0.67
CA VAL A 200 15.67 -13.15 -0.84
C VAL A 200 14.45 -12.67 -1.61
N ARG A 201 14.13 -13.40 -2.67
CA ARG A 201 12.98 -13.16 -3.52
C ARG A 201 11.68 -13.45 -2.79
N GLN A 202 10.62 -12.75 -3.21
CA GLN A 202 9.26 -13.08 -2.81
C GLN A 202 8.96 -14.57 -3.00
N ARG A 203 8.18 -15.14 -2.08
CA ARG A 203 7.71 -16.54 -2.17
C ARG A 203 8.74 -17.61 -1.77
N VAL A 204 9.98 -17.24 -1.46
CA VAL A 204 10.98 -18.26 -1.13
C VAL A 204 10.72 -18.82 0.26
N VAL A 205 10.73 -20.15 0.37
CA VAL A 205 10.50 -20.84 1.62
C VAL A 205 11.79 -20.82 2.42
N HIS A 206 11.71 -20.39 3.67
CA HIS A 206 12.89 -20.23 4.50
C HIS A 206 12.52 -20.32 5.97
N ALA A 207 13.54 -20.36 6.81
CA ALA A 207 13.35 -20.36 8.25
C ALA A 207 14.51 -19.68 8.94
N GLY A 208 14.20 -18.81 9.90
CA GLY A 208 15.20 -18.31 10.81
C GLY A 208 15.79 -19.47 11.59
N GLY A 209 17.09 -19.43 11.79
CA GLY A 209 17.82 -20.58 12.34
C GLY A 209 17.84 -20.67 13.85
N GLY A 210 17.22 -19.72 14.54
CA GLY A 210 17.28 -19.67 16.00
C GLY A 210 18.71 -19.37 16.41
N ASN A 211 19.17 -20.04 17.48
CA ASN A 211 20.55 -19.92 17.95
C ASN A 211 20.84 -21.07 18.93
N ARG A 212 21.58 -22.08 18.48
CA ARG A 212 21.83 -23.28 19.28
C ARG A 212 23.12 -23.21 20.11
N THR A 213 23.80 -22.07 20.13
CA THR A 213 24.99 -21.90 20.97
C THR A 213 24.57 -21.95 22.44
N THR A 214 25.54 -22.27 23.30
CA THR A 214 25.31 -22.30 24.75
C THR A 214 25.99 -21.10 25.40
N ALA A 215 25.20 -20.30 26.12
CA ALA A 215 25.67 -19.07 26.76
C ALA A 215 26.62 -18.26 25.87
N GLY A 216 26.24 -18.10 24.60
CA GLY A 216 27.00 -17.31 23.64
C GLY A 216 26.37 -15.94 23.47
N LYS A 217 26.97 -15.10 22.63
CA LYS A 217 26.40 -13.79 22.33
C LYS A 217 25.21 -13.95 21.38
N PRO A 218 24.28 -12.99 21.40
CA PRO A 218 23.15 -13.07 20.47
C PRO A 218 23.58 -12.90 19.02
N ARG A 219 22.83 -13.52 18.12
CA ARG A 219 23.00 -13.29 16.70
C ARG A 219 22.18 -12.05 16.35
N ARG A 220 22.79 -11.10 15.66
CA ARG A 220 22.14 -9.84 15.34
C ARG A 220 21.90 -9.71 13.86
N VAL A 221 20.72 -9.22 13.51
CA VAL A 221 20.33 -9.06 12.11
C VAL A 221 19.42 -7.86 11.96
N VAL A 222 19.58 -7.14 10.85
CA VAL A 222 18.64 -6.12 10.44
C VAL A 222 17.98 -6.59 9.16
N LEU A 223 16.65 -6.61 9.15
CA LEU A 223 15.88 -6.99 7.97
C LEU A 223 15.26 -5.75 7.37
N ALA A 224 15.43 -5.59 6.06
CA ALA A 224 14.83 -4.50 5.33
C ALA A 224 13.93 -5.09 4.26
N TYR A 225 12.68 -4.63 4.22
CA TYR A 225 11.72 -5.06 3.21
C TYR A 225 11.47 -3.92 2.24
N PHE A 226 11.88 -4.12 0.98
CA PHE A 226 11.59 -3.17 -0.09
C PHE A 226 10.40 -3.69 -0.87
N ASN A 227 9.33 -2.91 -0.93
CA ASN A 227 8.08 -3.29 -1.55
C ASN A 227 7.71 -2.34 -2.68
N SER A 228 6.91 -2.83 -3.61
CA SER A 228 6.25 -1.96 -4.57
C SER A 228 5.58 -0.81 -3.83
N VAL A 229 5.66 0.39 -4.40
CA VAL A 229 4.97 1.55 -3.83
C VAL A 229 3.45 1.38 -3.82
N GLN A 230 2.94 0.37 -4.52
CA GLN A 230 1.52 0.00 -4.43
C GLN A 230 1.12 -0.50 -3.05
N LEU A 231 2.10 -1.01 -2.29
CA LEU A 231 1.85 -1.57 -0.97
C LEU A 231 2.17 -0.58 0.14
N THR A 232 1.23 -0.42 1.06
CA THR A 232 1.37 0.48 2.19
C THR A 232 2.56 0.11 3.07
N PRO A 233 3.45 1.09 3.36
CA PRO A 233 4.53 0.75 4.29
C PRO A 233 4.01 0.30 5.66
N PHE A 234 4.57 -0.78 6.19
CA PHE A 234 4.27 -1.22 7.54
C PHE A 234 4.62 -0.09 8.51
N GLU A 235 5.83 0.42 8.38
CA GLU A 235 6.35 1.52 9.17
C GLU A 235 6.15 2.82 8.40
N THR A 236 5.53 3.81 9.04
CA THR A 236 5.37 5.13 8.44
C THR A 236 6.41 6.11 8.97
N TYR A 237 7.17 6.70 8.07
CA TYR A 237 8.26 7.60 8.44
C TYR A 237 7.82 9.08 8.40
N ARG A 238 6.51 9.31 8.43
CA ARG A 238 5.95 10.65 8.30
C ARG A 238 6.15 11.56 9.52
N THR A 239 6.52 11.01 10.67
CA THR A 239 6.75 11.83 11.87
C THR A 239 8.23 12.19 12.08
N MET A 240 9.11 11.81 11.15
CA MET A 240 10.50 12.21 11.21
C MET A 240 10.59 13.73 11.09
N PRO A 241 11.48 14.36 11.88
CA PRO A 241 11.67 15.80 11.76
C PRO A 241 12.03 16.20 10.33
N ARG A 242 11.43 17.29 9.86
CA ARG A 242 11.67 17.78 8.51
C ARG A 242 13.16 17.96 8.24
N GLU A 243 13.88 18.54 9.20
CA GLU A 243 15.33 18.77 9.05
C GLU A 243 16.11 17.46 8.85
N MET A 244 15.72 16.40 9.56
CA MET A 244 16.31 15.08 9.39
C MET A 244 16.06 14.55 7.99
N VAL A 245 14.84 14.72 7.50
CA VAL A 245 14.47 14.21 6.17
C VAL A 245 15.20 15.00 5.08
N GLU A 246 15.31 16.31 5.25
CA GLU A 246 15.99 17.15 4.27
C GLU A 246 17.51 16.95 4.24
N SER A 247 18.06 16.32 5.28
CA SER A 247 19.49 15.94 5.30
C SER A 247 19.79 14.65 4.49
N MET A 248 18.75 13.91 4.13
CA MET A 248 18.89 12.72 3.29
C MET A 248 18.91 13.07 1.82
N THR A 249 19.34 12.12 0.99
CA THR A 249 19.31 12.29 -0.46
C THR A 249 17.89 12.08 -0.97
N VAL A 250 17.65 12.45 -2.22
CA VAL A 250 16.36 12.25 -2.86
C VAL A 250 15.97 10.76 -2.80
N LEU A 251 16.91 9.89 -3.13
CA LEU A 251 16.66 8.44 -3.06
C LEU A 251 16.20 8.02 -1.67
N GLY A 252 16.89 8.49 -0.64
CA GLY A 252 16.50 8.19 0.74
C GLY A 252 15.10 8.66 1.07
N GLN A 253 14.78 9.88 0.64
CA GLN A 253 13.45 10.44 0.86
C GLN A 253 12.37 9.63 0.17
N ARG A 254 12.64 9.23 -1.07
CA ARG A 254 11.75 8.37 -1.82
C ARG A 254 11.51 7.05 -1.10
N MET A 255 12.57 6.46 -0.54
CA MET A 255 12.43 5.21 0.19
C MET A 255 11.54 5.36 1.43
N LEU A 256 11.63 6.49 2.11
CA LEU A 256 10.91 6.70 3.36
C LEU A 256 9.52 7.35 3.18
N GLY A 257 9.01 7.40 1.95
CA GLY A 257 7.62 7.79 1.70
C GLY A 257 7.35 9.29 1.59
N TRP A 258 8.40 10.09 1.52
CA TRP A 258 8.25 11.54 1.51
C TRP A 258 8.11 12.15 0.12
N ARG A 259 8.05 11.31 -0.91
CA ARG A 259 7.89 11.79 -2.28
C ARG A 259 6.83 11.03 -3.04
N THR A 260 6.30 11.65 -4.09
CA THR A 260 5.37 11.00 -4.99
C THR A 260 6.14 9.95 -5.79
N MET A 261 5.49 8.81 -6.03
CA MET A 261 6.14 7.66 -6.67
C MET A 261 5.28 7.15 -7.83
N LYS A 262 5.81 6.19 -8.57
CA LYS A 262 5.20 5.74 -9.83
C LYS A 262 5.17 4.22 -9.96
N PRO A 263 4.00 3.59 -9.74
CA PRO A 263 3.84 2.22 -10.17
C PRO A 263 3.93 2.14 -11.69
N SER A 264 4.20 0.95 -12.22
CA SER A 264 4.30 0.77 -13.66
C SER A 264 2.97 1.09 -14.36
N ASP A 265 3.06 1.40 -15.65
CA ASP A 265 1.89 1.43 -16.49
C ASP A 265 1.18 0.08 -16.30
N PRO A 266 -0.16 0.07 -16.29
CA PRO A 266 -1.11 1.11 -16.68
C PRO A 266 -1.40 2.24 -15.69
N ASN A 267 -0.73 2.31 -14.53
CA ASN A 267 -0.76 3.54 -13.76
C ASN A 267 0.12 4.54 -14.49
N ILE A 268 -0.50 5.57 -15.07
CA ILE A 268 0.23 6.55 -15.88
C ILE A 268 0.42 7.88 -15.16
N VAL A 269 -0.05 7.98 -13.91
CA VAL A 269 -0.02 9.21 -13.14
C VAL A 269 1.01 9.16 -12.01
N GLY A 270 0.84 8.20 -11.11
CA GLY A 270 1.66 8.09 -9.91
C GLY A 270 0.86 7.63 -8.72
N ILE A 271 1.42 7.83 -7.53
CA ILE A 271 0.79 7.44 -6.28
C ILE A 271 1.43 8.28 -5.17
N ASN A 272 0.73 8.49 -4.07
CA ASN A 272 1.25 9.29 -2.94
C ASN A 272 1.41 10.76 -3.34
N LEU A 273 0.30 11.34 -3.76
CA LEU A 273 0.27 12.73 -4.24
C LEU A 273 -0.89 13.47 -3.61
N ILE A 274 -0.92 14.80 -3.79
CA ILE A 274 -2.00 15.60 -3.22
C ILE A 274 -2.11 16.92 -3.97
N ASP A 275 -3.34 17.44 -4.06
CA ASP A 275 -3.67 18.63 -4.85
C ASP A 275 -3.23 18.45 -6.31
N ASP A 276 -3.29 17.19 -6.77
CA ASP A 276 -2.83 16.80 -8.11
C ASP A 276 -1.37 17.21 -8.40
N LYS A 277 -0.57 17.27 -7.34
CA LYS A 277 0.83 17.68 -7.43
C LYS A 277 1.70 16.67 -6.70
N ARG A 278 3.00 16.74 -6.95
CA ARG A 278 3.95 15.89 -6.24
C ARG A 278 4.08 16.35 -4.79
N LEU A 279 4.13 15.38 -3.89
CA LEU A 279 4.21 15.65 -2.45
C LEU A 279 5.39 16.54 -2.10
N GLU A 280 6.54 16.27 -2.69
CA GLU A 280 7.75 17.05 -2.44
C GLU A 280 7.63 18.50 -2.89
N ASN A 281 6.85 18.75 -3.95
CA ASN A 281 6.59 20.11 -4.41
C ASN A 281 5.63 20.84 -3.50
N VAL A 282 4.58 20.15 -3.06
CA VAL A 282 3.64 20.71 -2.07
C VAL A 282 4.37 21.06 -0.76
N LEU A 283 5.27 20.18 -0.34
CA LEU A 283 6.07 20.41 0.86
C LEU A 283 7.24 21.36 0.65
N GLN A 284 7.60 21.63 -0.61
CA GLN A 284 8.81 22.39 -0.97
C GLN A 284 10.03 21.74 -0.30
N LEU A 285 10.15 20.43 -0.51
CA LEU A 285 11.10 19.60 0.21
C LEU A 285 12.50 19.71 -0.39
N LYS A 286 13.47 20.09 0.45
CA LYS A 286 14.87 20.10 0.07
C LYS A 286 15.48 18.73 0.29
N ALA A 287 16.59 18.45 -0.38
CA ALA A 287 17.35 17.22 -0.18
C ALA A 287 18.84 17.53 -0.25
N ALA A 288 19.65 16.61 0.28
CA ALA A 288 21.11 16.78 0.30
C ALA A 288 21.71 16.90 -1.10
N ASP A 289 21.07 16.28 -2.10
CA ASP A 289 21.61 16.26 -3.46
C ASP A 289 20.66 16.81 -4.53
N SER A 290 19.88 17.83 -4.18
CA SER A 290 18.99 18.48 -5.16
C SER A 290 18.96 20.01 -4.98
N PRO A 291 18.91 20.75 -6.11
CA PRO A 291 18.82 22.21 -6.04
C PRO A 291 17.42 22.69 -5.68
N LYS B 7 -33.81 -7.59 -20.67
CA LYS B 7 -32.39 -7.45 -20.23
C LYS B 7 -32.32 -6.97 -18.79
N PRO B 8 -31.74 -7.79 -17.89
CA PRO B 8 -31.68 -7.42 -16.46
C PRO B 8 -30.99 -6.08 -16.21
N GLN B 9 -31.58 -5.26 -15.35
CA GLN B 9 -31.08 -3.92 -15.06
C GLN B 9 -30.41 -3.88 -13.69
N LEU B 10 -29.65 -2.83 -13.44
CA LEU B 10 -29.09 -2.58 -12.12
C LEU B 10 -30.23 -2.50 -11.11
N GLN B 11 -30.09 -3.21 -10.00
CA GLN B 11 -31.12 -3.21 -8.97
C GLN B 11 -30.98 -1.96 -8.10
N ARG B 12 -32.13 -1.33 -7.85
CA ARG B 12 -32.20 -0.14 -7.01
C ARG B 12 -32.75 -0.52 -5.64
N LEU B 13 -31.99 -0.22 -4.58
CA LEU B 13 -32.40 -0.49 -3.20
C LEU B 13 -32.63 0.81 -2.45
N ALA B 14 -33.52 0.76 -1.46
CA ALA B 14 -33.68 1.86 -0.53
C ALA B 14 -32.43 1.99 0.34
N ALA B 15 -32.12 3.21 0.75
CA ALA B 15 -30.94 3.47 1.57
C ALA B 15 -30.93 2.68 2.89
N ASP B 16 -32.11 2.34 3.40
CA ASP B 16 -32.23 1.56 4.64
C ASP B 16 -32.44 0.06 4.40
N ALA B 17 -32.12 -0.42 3.20
CA ALA B 17 -32.23 -1.85 2.89
C ALA B 17 -31.21 -2.66 3.70
N ASP B 18 -31.49 -3.95 3.84
CA ASP B 18 -30.60 -4.85 4.58
C ASP B 18 -29.27 -5.01 3.83
N VAL B 19 -28.17 -4.96 4.57
CA VAL B 19 -26.83 -5.01 3.97
C VAL B 19 -26.56 -6.37 3.33
N ASP B 20 -27.16 -7.43 3.86
CA ASP B 20 -26.98 -8.76 3.28
C ASP B 20 -27.58 -8.85 1.87
N ARG B 21 -28.68 -8.13 1.63
CA ARG B 21 -29.23 -8.01 0.28
C ARG B 21 -28.25 -7.28 -0.65
N MET B 22 -27.61 -6.24 -0.12
CA MET B 22 -26.59 -5.50 -0.87
C MET B 22 -25.39 -6.37 -1.22
N CYS B 23 -24.95 -7.19 -0.26
CA CYS B 23 -23.85 -8.14 -0.49
C CYS B 23 -24.18 -9.17 -1.56
N ARG B 24 -25.41 -9.68 -1.53
CA ARG B 24 -25.84 -10.66 -2.52
C ARG B 24 -25.81 -10.09 -3.93
N LEU B 25 -26.22 -8.83 -4.08
CA LEU B 25 -26.17 -8.15 -5.38
C LEU B 25 -24.74 -7.95 -5.88
N LEU B 26 -23.81 -7.60 -4.99
CA LEU B 26 -22.40 -7.48 -5.37
C LEU B 26 -21.83 -8.83 -5.80
N GLU B 27 -22.27 -9.90 -5.14
CA GLU B 27 -21.82 -11.25 -5.48
C GLU B 27 -22.38 -11.69 -6.84
N GLU B 28 -23.68 -11.47 -7.07
CA GLU B 28 -24.32 -11.93 -8.31
C GLU B 28 -24.12 -10.95 -9.46
N ASP B 29 -24.59 -9.71 -9.29
CA ASP B 29 -24.52 -8.71 -10.35
C ASP B 29 -23.21 -7.95 -10.41
N GLY B 30 -22.58 -7.73 -9.25
CA GLY B 30 -21.34 -6.95 -9.18
C GLY B 30 -21.56 -5.48 -8.89
N ALA B 31 -22.81 -5.05 -8.87
CA ALA B 31 -23.12 -3.64 -8.66
C ALA B 31 -24.58 -3.48 -8.27
N PHE B 32 -24.88 -2.36 -7.62
CA PHE B 32 -26.24 -1.97 -7.33
C PHE B 32 -26.30 -0.47 -7.06
N ILE B 33 -27.52 0.06 -7.01
CA ILE B 33 -27.75 1.47 -6.74
C ILE B 33 -28.52 1.62 -5.43
N LEU B 34 -28.08 2.55 -4.59
CA LEU B 34 -28.85 3.00 -3.43
C LEU B 34 -29.61 4.27 -3.81
N LYS B 35 -30.92 4.25 -3.61
CA LYS B 35 -31.75 5.41 -3.91
C LYS B 35 -31.81 6.37 -2.72
N GLY B 36 -31.52 7.64 -2.99
CA GLY B 36 -31.68 8.70 -1.99
C GLY B 36 -30.88 8.50 -0.72
N LEU B 37 -29.63 8.11 -0.86
CA LEU B 37 -28.77 7.96 0.30
C LEU B 37 -28.46 9.31 0.94
N LEU B 38 -28.09 10.29 0.12
CA LEU B 38 -27.75 11.62 0.61
C LEU B 38 -28.96 12.52 0.44
N PRO B 39 -29.41 13.16 1.54
CA PRO B 39 -30.54 14.09 1.41
C PRO B 39 -30.18 15.31 0.56
N PHE B 40 -31.21 15.94 0.01
CA PHE B 40 -31.05 17.11 -0.84
C PHE B 40 -30.11 18.16 -0.25
N ASP B 41 -30.27 18.48 1.03
CA ASP B 41 -29.48 19.55 1.65
C ASP B 41 -27.98 19.21 1.65
N VAL B 42 -27.65 17.93 1.80
CA VAL B 42 -26.26 17.47 1.75
C VAL B 42 -25.70 17.58 0.34
N VAL B 43 -26.46 17.13 -0.64
CA VAL B 43 -26.06 17.24 -2.04
C VAL B 43 -25.85 18.70 -2.42
N GLU B 44 -26.77 19.56 -2.00
CA GLU B 44 -26.70 20.98 -2.31
C GLU B 44 -25.45 21.65 -1.73
N SER B 45 -25.18 21.41 -0.45
CA SER B 45 -24.04 22.04 0.20
C SER B 45 -22.71 21.53 -0.37
N PHE B 46 -22.65 20.25 -0.69
CA PHE B 46 -21.48 19.64 -1.33
C PHE B 46 -21.24 20.28 -2.71
N ASN B 47 -22.31 20.43 -3.50
CA ASN B 47 -22.20 21.10 -4.80
C ASN B 47 -21.76 22.56 -4.70
N ARG B 48 -22.24 23.26 -3.68
CA ARG B 48 -21.85 24.65 -3.43
C ARG B 48 -20.35 24.74 -3.09
N GLU B 49 -19.87 23.80 -2.28
CA GLU B 49 -18.44 23.75 -1.94
C GLU B 49 -17.59 23.44 -3.17
N LEU B 50 -18.05 22.51 -3.99
CA LEU B 50 -17.35 22.18 -5.24
C LEU B 50 -17.34 23.34 -6.24
N ASP B 51 -18.45 24.10 -6.29
CA ASP B 51 -18.51 25.32 -7.12
C ASP B 51 -17.39 26.29 -6.77
N VAL B 52 -17.15 26.47 -5.47
CA VAL B 52 -16.11 27.40 -5.00
C VAL B 52 -14.74 26.99 -5.52
N GLN B 53 -14.44 25.70 -5.50
CA GLN B 53 -13.16 25.19 -5.98
C GLN B 53 -13.04 25.29 -7.49
N MET B 54 -14.14 25.06 -8.20
CA MET B 54 -14.17 25.16 -9.66
C MET B 54 -14.01 26.61 -10.13
N ALA B 55 -14.39 27.57 -9.29
CA ALA B 55 -14.33 29.00 -9.62
C ALA B 55 -12.95 29.62 -9.39
N ILE B 56 -12.15 29.02 -8.51
CA ILE B 56 -10.79 29.48 -8.25
C ILE B 56 -9.93 29.29 -9.49
N PRO B 57 -9.13 30.31 -9.87
CA PRO B 57 -8.34 30.22 -11.11
C PRO B 57 -7.45 28.98 -11.19
N PRO B 58 -7.20 28.47 -12.41
CA PRO B 58 -6.40 27.26 -12.58
C PRO B 58 -4.94 27.44 -12.13
N PRO B 59 -4.21 26.33 -11.98
CA PRO B 59 -2.90 26.36 -11.34
C PRO B 59 -1.73 26.62 -12.28
N LYS B 60 -0.64 27.12 -11.73
CA LYS B 60 0.57 27.44 -12.48
C LYS B 60 1.61 26.33 -12.32
N GLY B 61 1.39 25.20 -12.99
CA GLY B 61 2.32 24.08 -12.92
C GLY B 61 1.69 22.77 -13.35
N GLU B 62 2.44 21.68 -13.20
CA GLU B 62 1.96 20.37 -13.62
C GLU B 62 0.77 19.92 -12.78
N ARG B 63 -0.15 19.21 -13.43
CA ARG B 63 -1.30 18.63 -12.76
C ARG B 63 -1.34 17.15 -13.14
N LEU B 64 -0.95 16.31 -12.19
CA LEU B 64 -0.51 14.95 -12.49
C LEU B 64 -1.56 14.11 -13.19
N LEU B 65 -2.80 14.14 -12.68
CA LEU B 65 -3.89 13.38 -13.30
C LEU B 65 -4.56 14.18 -14.42
N ALA B 66 -4.83 15.45 -14.17
CA ALA B 66 -5.55 16.29 -15.13
C ALA B 66 -4.81 16.45 -16.47
N ASP B 67 -3.48 16.51 -16.42
CA ASP B 67 -2.68 16.66 -17.66
C ASP B 67 -2.67 15.41 -18.55
N LYS B 68 -3.31 14.33 -18.10
CA LYS B 68 -3.38 13.11 -18.90
C LYS B 68 -4.66 13.02 -19.73
N TYR B 69 -5.57 13.98 -19.56
CA TYR B 69 -6.85 13.95 -20.26
C TYR B 69 -7.12 15.27 -20.97
N PRO B 70 -7.96 15.24 -22.03
CA PRO B 70 -8.33 16.49 -22.70
C PRO B 70 -9.09 17.44 -21.75
N PRO B 71 -8.95 18.75 -21.96
CA PRO B 71 -9.46 19.76 -21.01
C PRO B 71 -10.98 19.80 -20.76
N HIS B 72 -11.78 19.12 -21.58
CA HIS B 72 -13.22 18.97 -21.28
C HIS B 72 -13.47 18.04 -20.08
N PHE B 73 -12.42 17.34 -19.67
CA PHE B 73 -12.29 16.67 -18.37
C PHE B 73 -11.98 17.73 -17.31
N LYS B 74 -12.96 18.05 -16.46
CA LYS B 74 -12.76 18.98 -15.34
C LYS B 74 -12.62 18.19 -14.05
N TYR B 75 -11.79 18.66 -13.13
CA TYR B 75 -11.33 17.85 -12.02
C TYR B 75 -10.98 18.67 -10.78
N VAL B 76 -11.59 18.30 -9.64
CA VAL B 76 -11.17 18.82 -8.33
C VAL B 76 -10.63 17.65 -7.53
N PRO B 77 -9.32 17.66 -7.23
CA PRO B 77 -8.70 16.55 -6.54
C PRO B 77 -9.00 16.54 -5.05
N ASN B 78 -8.84 15.37 -4.44
CA ASN B 78 -8.93 15.20 -2.98
C ASN B 78 -9.93 16.12 -2.29
N VAL B 79 -11.20 15.96 -2.66
CA VAL B 79 -12.25 16.88 -2.21
C VAL B 79 -12.44 16.97 -0.69
N ALA B 80 -11.97 15.99 0.06
CA ALA B 80 -12.01 16.05 1.53
C ALA B 80 -11.28 17.28 2.09
N THR B 81 -10.24 17.75 1.39
CA THR B 81 -9.46 18.88 1.88
C THR B 81 -10.14 20.24 1.69
N THR B 82 -11.13 20.31 0.79
CA THR B 82 -11.80 21.59 0.49
C THR B 82 -13.31 21.60 0.69
N CYS B 83 -13.93 20.43 0.86
CA CYS B 83 -15.38 20.32 0.97
C CYS B 83 -15.77 19.72 2.32
N PRO B 84 -16.11 20.59 3.30
CA PRO B 84 -16.51 20.13 4.63
C PRO B 84 -17.64 19.10 4.63
N THR B 85 -18.59 19.25 3.71
CA THR B 85 -19.71 18.34 3.65
C THR B 85 -19.25 16.92 3.31
N PHE B 86 -18.25 16.81 2.45
CA PHE B 86 -17.69 15.48 2.17
C PHE B 86 -16.95 14.96 3.40
N ARG B 87 -16.07 15.79 3.93
CA ARG B 87 -15.22 15.45 5.06
C ARG B 87 -16.04 15.05 6.30
N ASN B 88 -17.08 15.82 6.60
CA ASN B 88 -17.85 15.66 7.85
C ASN B 88 -19.11 14.81 7.76
N THR B 89 -19.61 14.56 6.55
CA THR B 89 -20.89 13.88 6.37
C THR B 89 -20.80 12.71 5.40
N VAL B 90 -20.41 12.96 4.15
CA VAL B 90 -20.47 11.93 3.12
C VAL B 90 -19.43 10.81 3.36
N LEU B 91 -18.21 11.22 3.68
CA LEU B 91 -17.09 10.28 3.90
C LEU B 91 -17.38 9.27 5.00
N ILE B 92 -18.19 9.66 5.99
CA ILE B 92 -18.47 8.82 7.15
C ILE B 92 -19.92 8.27 7.14
N ASN B 93 -20.54 8.24 5.97
CA ASN B 93 -21.93 7.76 5.87
C ASN B 93 -22.07 6.34 6.42
N PRO B 94 -23.00 6.13 7.39
CA PRO B 94 -23.09 4.81 8.02
C PRO B 94 -23.43 3.65 7.07
N VAL B 95 -24.23 3.91 6.03
CA VAL B 95 -24.60 2.84 5.09
C VAL B 95 -23.39 2.44 4.24
N ILE B 96 -22.65 3.43 3.74
CA ILE B 96 -21.44 3.14 2.96
C ILE B 96 -20.48 2.29 3.78
N HIS B 97 -20.31 2.63 5.05
CA HIS B 97 -19.39 1.87 5.91
C HIS B 97 -19.91 0.49 6.30
N ALA B 98 -21.23 0.35 6.43
CA ALA B 98 -21.81 -0.97 6.64
C ALA B 98 -21.51 -1.87 5.43
N ILE B 99 -21.62 -1.33 4.22
CA ILE B 99 -21.29 -2.07 3.00
C ILE B 99 -19.81 -2.43 2.99
N CYS B 100 -18.96 -1.44 3.27
CA CYS B 100 -17.51 -1.68 3.26
C CYS B 100 -17.10 -2.75 4.27
N GLU B 101 -17.64 -2.68 5.48
CA GLU B 101 -17.31 -3.65 6.53
C GLU B 101 -17.64 -5.07 6.10
N ALA B 102 -18.81 -5.25 5.48
CA ALA B 102 -19.21 -6.57 4.99
C ALA B 102 -18.32 -7.00 3.82
N TYR B 103 -18.13 -6.10 2.88
CA TYR B 103 -17.38 -6.37 1.66
C TYR B 103 -15.91 -6.74 1.94
N PHE B 104 -15.31 -6.08 2.92
CA PHE B 104 -13.91 -6.30 3.26
C PHE B 104 -13.69 -7.28 4.42
N GLN B 105 -14.70 -8.09 4.77
CA GLN B 105 -14.58 -9.00 5.91
C GLN B 105 -13.48 -10.05 5.77
N ARG B 106 -13.10 -10.39 4.54
CA ARG B 106 -12.00 -11.34 4.31
C ARG B 106 -10.64 -10.65 4.20
N THR B 107 -10.66 -9.32 4.06
CA THR B 107 -9.46 -8.55 3.73
C THR B 107 -8.92 -7.71 4.89
N GLY B 108 -9.82 -7.27 5.77
CA GLY B 108 -9.45 -6.46 6.91
C GLY B 108 -9.85 -5.01 6.72
N ASP B 109 -9.13 -4.11 7.37
CA ASP B 109 -9.44 -2.68 7.31
C ASP B 109 -9.33 -2.14 5.89
N TYR B 110 -10.07 -1.06 5.66
CA TYR B 110 -10.07 -0.36 4.39
C TYR B 110 -9.87 1.14 4.69
N TRP B 111 -9.45 1.89 3.67
CA TRP B 111 -9.38 3.35 3.79
C TRP B 111 -9.62 4.00 2.43
N LEU B 112 -9.62 5.33 2.41
CA LEU B 112 -9.90 6.07 1.18
C LEU B 112 -8.63 6.24 0.36
N SER B 113 -8.58 5.60 -0.80
CA SER B 113 -7.44 5.77 -1.71
C SER B 113 -7.53 7.12 -2.41
N ALA B 114 -8.74 7.49 -2.81
CA ALA B 114 -8.98 8.76 -3.48
C ALA B 114 -10.47 9.10 -3.48
N ALA B 115 -10.77 10.40 -3.41
CA ALA B 115 -12.12 10.90 -3.71
C ALA B 115 -12.00 12.25 -4.38
N PHE B 116 -12.53 12.36 -5.59
CA PHE B 116 -12.34 13.56 -6.40
C PHE B 116 -13.54 13.81 -7.27
N LEU B 117 -13.71 15.07 -7.68
CA LEU B 117 -14.78 15.46 -8.58
C LEU B 117 -14.34 15.29 -10.03
N ARG B 118 -15.23 14.73 -10.83
CA ARG B 118 -15.13 14.72 -12.28
C ARG B 118 -16.31 15.49 -12.84
N GLU B 119 -16.03 16.53 -13.63
CA GLU B 119 -17.08 17.24 -14.36
C GLU B 119 -16.87 17.02 -15.84
N ILE B 120 -17.85 16.41 -16.50
CA ILE B 120 -17.76 16.09 -17.92
C ILE B 120 -18.60 17.09 -18.71
N GLU B 121 -17.93 17.93 -19.49
CA GLU B 121 -18.60 18.91 -20.34
C GLU B 121 -19.37 18.23 -21.48
N SER B 122 -20.36 18.92 -22.02
CA SER B 122 -21.16 18.40 -23.13
C SER B 122 -20.30 18.06 -24.35
N GLY B 123 -20.70 17.02 -25.07
CA GLY B 123 -20.05 16.64 -26.32
C GLY B 123 -18.95 15.61 -26.20
N MET B 124 -18.81 14.98 -25.03
CA MET B 124 -17.81 13.94 -24.83
C MET B 124 -18.42 12.55 -25.03
N PRO B 125 -17.69 11.66 -25.73
CA PRO B 125 -18.13 10.27 -25.85
C PRO B 125 -17.79 9.46 -24.61
N ALA B 126 -18.33 8.25 -24.52
CA ALA B 126 -18.11 7.39 -23.35
C ALA B 126 -16.69 6.85 -23.28
N GLN B 127 -16.27 6.47 -22.08
CA GLN B 127 -14.99 5.81 -21.85
C GLN B 127 -14.97 4.43 -22.50
N PRO B 128 -13.77 3.87 -22.74
CA PRO B 128 -13.68 2.45 -23.06
C PRO B 128 -14.06 1.61 -21.83
N PHE B 129 -14.57 0.41 -22.07
CA PHE B 129 -14.83 -0.53 -20.99
C PHE B 129 -13.53 -0.94 -20.33
N HIS B 130 -13.56 -1.05 -19.01
CA HIS B 130 -12.36 -1.35 -18.24
C HIS B 130 -12.74 -1.85 -16.86
N ARG B 131 -11.73 -2.38 -16.16
CA ARG B 131 -11.81 -2.62 -14.73
C ARG B 131 -10.97 -1.56 -14.05
N ASP B 132 -11.32 -1.23 -12.81
CA ASP B 132 -10.56 -0.25 -12.02
C ASP B 132 -9.32 -0.91 -11.41
N ASP B 133 -8.40 -1.32 -12.26
CA ASP B 133 -7.20 -2.06 -11.84
C ASP B 133 -5.92 -1.36 -12.32
N ALA B 134 -6.02 -0.07 -12.65
CA ALA B 134 -4.89 0.67 -13.22
C ALA B 134 -4.01 1.34 -12.16
N THR B 135 -4.62 1.92 -11.12
CA THR B 135 -3.86 2.66 -10.11
C THR B 135 -2.92 1.74 -9.32
N HIS B 136 -3.42 0.56 -8.99
CA HIS B 136 -2.62 -0.49 -8.35
C HIS B 136 -2.60 -1.70 -9.26
N PRO B 137 -1.69 -1.71 -10.26
CA PRO B 137 -1.69 -2.78 -11.26
C PRO B 137 -1.55 -4.21 -10.74
N LEU B 138 -1.08 -4.40 -9.50
CA LEU B 138 -1.03 -5.74 -8.94
C LEU B 138 -2.42 -6.39 -8.88
N MET B 139 -3.45 -5.56 -8.78
CA MET B 139 -4.84 -6.04 -8.76
C MET B 139 -5.20 -6.85 -9.99
N HIS B 140 -4.61 -6.50 -11.12
CA HIS B 140 -4.81 -7.22 -12.38
C HIS B 140 -4.49 -8.71 -12.29
N PHE B 141 -3.53 -9.06 -11.42
CA PHE B 141 -3.07 -10.43 -11.26
C PHE B 141 -3.75 -11.17 -10.11
N GLN B 142 -4.50 -10.45 -9.27
CA GLN B 142 -5.27 -11.07 -8.19
C GLN B 142 -6.38 -11.94 -8.76
N PRO B 143 -6.44 -13.22 -8.38
CA PRO B 143 -7.50 -14.08 -8.90
C PRO B 143 -8.86 -13.73 -8.32
N LEU B 144 -9.92 -14.12 -9.03
CA LEU B 144 -11.31 -13.88 -8.60
C LEU B 144 -11.58 -14.33 -7.17
N GLU B 145 -10.98 -15.45 -6.78
CA GLU B 145 -11.23 -16.09 -5.48
C GLU B 145 -10.59 -15.34 -4.32
N ALA B 146 -9.62 -14.47 -4.60
CA ALA B 146 -8.91 -13.72 -3.56
C ALA B 146 -9.82 -12.71 -2.87
N PRO B 147 -9.56 -12.43 -1.58
CA PRO B 147 -10.29 -11.38 -0.89
C PRO B 147 -10.23 -10.06 -1.68
N PRO B 148 -11.36 -9.37 -1.85
CA PRO B 148 -11.32 -8.13 -2.61
C PRO B 148 -10.53 -7.05 -1.88
N VAL B 149 -9.84 -6.21 -2.65
CA VAL B 149 -9.02 -5.13 -2.09
C VAL B 149 -9.46 -3.72 -2.50
N SER B 150 -10.51 -3.62 -3.32
CA SER B 150 -10.98 -2.31 -3.77
C SER B 150 -12.48 -2.31 -4.00
N LEU B 151 -13.11 -1.19 -3.68
CA LEU B 151 -14.53 -0.96 -3.94
C LEU B 151 -14.67 0.43 -4.55
N SER B 152 -15.44 0.54 -5.63
CA SER B 152 -15.69 1.82 -6.27
C SER B 152 -17.06 2.33 -5.84
N VAL B 153 -17.09 3.57 -5.34
CA VAL B 153 -18.32 4.20 -4.88
C VAL B 153 -18.51 5.48 -5.69
N ILE B 154 -19.64 5.57 -6.40
CA ILE B 154 -19.84 6.61 -7.40
C ILE B 154 -21.02 7.48 -6.99
N PHE B 155 -20.73 8.75 -6.70
CA PHE B 155 -21.73 9.73 -6.24
C PHE B 155 -22.14 10.68 -7.36
N PRO B 156 -23.34 10.48 -7.95
CA PRO B 156 -23.82 11.47 -8.92
C PRO B 156 -24.19 12.77 -8.23
N LEU B 157 -23.68 13.89 -8.72
CA LEU B 157 -24.01 15.20 -8.17
C LEU B 157 -24.90 16.02 -9.11
N THR B 158 -25.05 15.55 -10.34
CA THR B 158 -26.12 15.97 -11.22
C THR B 158 -26.87 14.71 -11.65
N GLU B 159 -27.98 14.88 -12.35
CA GLU B 159 -28.74 13.76 -12.86
C GLU B 159 -27.87 12.93 -13.80
N PHE B 160 -27.97 11.61 -13.70
CA PHE B 160 -27.35 10.68 -14.64
C PHE B 160 -28.48 10.18 -15.52
N THR B 161 -28.44 10.50 -16.82
CA THR B 161 -29.48 10.10 -17.75
C THR B 161 -28.88 9.32 -18.90
N GLU B 162 -29.76 8.74 -19.72
CA GLU B 162 -29.33 8.03 -20.92
C GLU B 162 -28.63 8.99 -21.89
N GLU B 163 -29.01 10.26 -21.84
CA GLU B 163 -28.46 11.29 -22.70
C GLU B 163 -27.09 11.80 -22.26
N ASN B 164 -26.91 12.04 -20.96
CA ASN B 164 -25.74 12.76 -20.45
C ASN B 164 -24.59 11.91 -19.90
N GLY B 165 -24.66 10.58 -20.11
CA GLY B 165 -23.53 9.70 -19.84
C GLY B 165 -23.59 8.94 -18.52
N ALA B 166 -24.78 8.43 -18.18
CA ALA B 166 -24.93 7.54 -17.04
C ALA B 166 -23.93 6.38 -17.15
N THR B 167 -23.34 5.99 -16.03
CA THR B 167 -22.32 4.94 -16.01
C THR B 167 -22.84 3.67 -16.66
N GLU B 168 -22.03 3.06 -17.51
CA GLU B 168 -22.38 1.83 -18.21
C GLU B 168 -21.72 0.66 -17.49
N VAL B 169 -22.53 -0.30 -17.07
CA VAL B 169 -22.06 -1.41 -16.23
C VAL B 169 -22.48 -2.75 -16.83
N ILE B 170 -21.53 -3.68 -16.96
CA ILE B 170 -21.84 -5.01 -17.47
C ILE B 170 -22.03 -5.94 -16.28
N LEU B 171 -23.27 -6.34 -16.03
CA LEU B 171 -23.59 -7.15 -14.87
C LEU B 171 -22.92 -8.52 -14.95
N GLY B 172 -22.42 -9.00 -13.81
CA GLY B 172 -21.80 -10.32 -13.72
C GLY B 172 -20.39 -10.42 -14.29
N SER B 173 -19.84 -9.30 -14.76
CA SER B 173 -18.57 -9.31 -15.48
C SER B 173 -17.34 -9.46 -14.59
N HIS B 174 -17.52 -9.34 -13.27
CA HIS B 174 -16.44 -9.70 -12.32
C HIS B 174 -16.00 -11.16 -12.43
N ARG B 175 -16.87 -12.03 -12.93
CA ARG B 175 -16.53 -13.45 -13.11
C ARG B 175 -15.73 -13.72 -14.39
N TRP B 176 -15.66 -12.73 -15.28
CA TRP B 176 -14.90 -12.88 -16.52
C TRP B 176 -13.42 -13.05 -16.24
N THR B 177 -12.73 -13.90 -17.00
CA THR B 177 -11.29 -14.04 -16.86
C THR B 177 -10.55 -12.81 -17.40
N GLU B 178 -11.10 -12.20 -18.46
CA GLU B 178 -10.52 -11.01 -19.06
C GLU B 178 -11.62 -10.07 -19.53
N VAL B 179 -11.26 -8.81 -19.77
CA VAL B 179 -12.20 -7.80 -20.22
C VAL B 179 -12.40 -7.90 -21.73
N GLY B 180 -11.30 -7.85 -22.47
CA GLY B 180 -11.35 -7.80 -23.93
C GLY B 180 -12.01 -6.52 -24.40
N THR B 181 -12.73 -6.60 -25.52
CA THR B 181 -13.41 -5.45 -26.10
C THR B 181 -14.92 -5.72 -26.20
N PRO B 182 -15.67 -5.38 -25.13
CA PRO B 182 -17.11 -5.63 -25.17
C PRO B 182 -17.89 -4.67 -26.08
N GLU B 183 -19.07 -5.12 -26.52
CA GLU B 183 -20.03 -4.27 -27.21
C GLU B 183 -20.81 -3.45 -26.20
N ARG B 184 -21.21 -2.24 -26.60
CA ARG B 184 -21.97 -1.35 -25.73
C ARG B 184 -23.28 -1.97 -25.24
N ASP B 185 -23.92 -2.77 -26.09
CA ASP B 185 -25.21 -3.39 -25.75
C ASP B 185 -25.14 -4.48 -24.66
N GLN B 186 -23.93 -4.84 -24.23
CA GLN B 186 -23.77 -5.74 -23.08
C GLN B 186 -23.99 -5.02 -21.75
N ALA B 187 -23.85 -3.69 -21.74
CA ALA B 187 -23.96 -2.91 -20.52
C ALA B 187 -25.38 -2.40 -20.28
N VAL B 188 -25.66 -2.09 -19.02
CA VAL B 188 -26.88 -1.38 -18.62
C VAL B 188 -26.46 -0.07 -17.96
N LEU B 189 -27.39 0.87 -17.88
CA LEU B 189 -27.09 2.23 -17.45
C LEU B 189 -27.44 2.47 -16.00
N ALA B 190 -26.54 3.12 -15.28
CA ALA B 190 -26.80 3.57 -13.92
C ALA B 190 -27.43 4.97 -13.96
N THR B 191 -28.65 5.05 -14.48
CA THR B 191 -29.41 6.29 -14.44
C THR B 191 -29.79 6.55 -12.99
N MET B 192 -29.57 7.78 -12.55
CA MET B 192 -29.67 8.13 -11.13
C MET B 192 -29.98 9.61 -10.98
N ASP B 193 -30.53 9.96 -9.83
CA ASP B 193 -30.66 11.36 -9.43
C ASP B 193 -29.53 11.67 -8.46
N PRO B 194 -29.17 12.96 -8.31
CA PRO B 194 -28.19 13.31 -7.29
C PRO B 194 -28.64 12.85 -5.91
N GLY B 195 -27.73 12.28 -5.13
CA GLY B 195 -28.07 11.73 -3.82
C GLY B 195 -28.15 10.21 -3.82
N ASP B 196 -28.36 9.62 -5.00
CA ASP B 196 -28.24 8.18 -5.18
C ASP B 196 -26.76 7.83 -5.14
N VAL B 197 -26.47 6.55 -5.00
CA VAL B 197 -25.08 6.08 -5.09
C VAL B 197 -25.02 4.78 -5.86
N LEU B 198 -24.00 4.67 -6.71
CA LEU B 198 -23.72 3.43 -7.44
C LEU B 198 -22.51 2.77 -6.78
N ILE B 199 -22.67 1.51 -6.39
CA ILE B 199 -21.60 0.73 -5.77
C ILE B 199 -21.14 -0.33 -6.77
N VAL B 200 -19.85 -0.37 -7.06
CA VAL B 200 -19.31 -1.29 -8.07
C VAL B 200 -18.19 -2.14 -7.48
N ARG B 201 -18.40 -3.45 -7.51
CA ARG B 201 -17.46 -4.43 -7.00
C ARG B 201 -16.17 -4.45 -7.82
N GLN B 202 -15.06 -4.84 -7.19
CA GLN B 202 -13.81 -5.11 -7.88
C GLN B 202 -14.04 -6.10 -9.03
N ARG B 203 -13.37 -5.85 -10.15
CA ARG B 203 -13.41 -6.69 -11.37
C ARG B 203 -14.62 -6.43 -12.27
N VAL B 204 -15.57 -5.61 -11.85
CA VAL B 204 -16.74 -5.36 -12.69
C VAL B 204 -16.36 -4.44 -13.84
N VAL B 205 -16.72 -4.86 -15.05
CA VAL B 205 -16.40 -4.12 -16.25
C VAL B 205 -17.43 -3.02 -16.43
N HIS B 206 -16.96 -1.81 -16.68
CA HIS B 206 -17.82 -0.64 -16.77
C HIS B 206 -17.15 0.46 -17.56
N ALA B 207 -17.90 1.51 -17.85
CA ALA B 207 -17.39 2.66 -18.56
C ALA B 207 -18.14 3.92 -18.16
N GLY B 208 -17.40 5.01 -17.97
CA GLY B 208 -18.00 6.33 -17.86
C GLY B 208 -18.74 6.64 -19.16
N GLY B 209 -19.94 7.22 -19.04
CA GLY B 209 -20.76 7.46 -20.21
C GLY B 209 -20.43 8.71 -20.99
N GLY B 210 -19.41 9.45 -20.55
CA GLY B 210 -19.08 10.73 -21.17
C GLY B 210 -20.20 11.74 -20.90
N ASN B 211 -20.57 12.48 -21.94
CA ASN B 211 -21.71 13.40 -21.86
C ASN B 211 -22.12 13.82 -23.27
N ARG B 212 -23.13 13.16 -23.81
CA ARG B 212 -23.58 13.44 -25.17
C ARG B 212 -24.88 14.23 -25.22
N THR B 213 -24.93 15.31 -24.43
CA THR B 213 -26.00 16.29 -24.53
C THR B 213 -25.59 17.37 -25.54
N PRO B 218 -23.01 20.46 -17.85
CA PRO B 218 -22.06 19.37 -17.57
C PRO B 218 -22.64 18.30 -16.65
N ARG B 219 -22.05 17.11 -16.65
CA ARG B 219 -22.40 16.05 -15.72
C ARG B 219 -21.37 16.01 -14.61
N ARG B 220 -21.83 15.93 -13.37
CA ARG B 220 -20.97 16.02 -12.20
C ARG B 220 -21.00 14.72 -11.39
N VAL B 221 -19.82 14.22 -11.04
CA VAL B 221 -19.72 12.98 -10.26
C VAL B 221 -18.52 13.04 -9.34
N VAL B 222 -18.69 12.51 -8.13
CA VAL B 222 -17.57 12.33 -7.23
C VAL B 222 -17.31 10.83 -7.18
N LEU B 223 -16.08 10.44 -7.52
CA LEU B 223 -15.68 9.04 -7.47
C LEU B 223 -14.82 8.84 -6.24
N ALA B 224 -15.23 7.87 -5.42
CA ALA B 224 -14.51 7.50 -4.21
C ALA B 224 -14.07 6.05 -4.31
N TYR B 225 -12.80 5.80 -4.02
CA TYR B 225 -12.26 4.45 -4.06
C TYR B 225 -11.82 4.06 -2.65
N PHE B 226 -12.53 3.09 -2.07
CA PHE B 226 -12.17 2.54 -0.77
C PHE B 226 -11.38 1.27 -1.01
N ASN B 227 -10.14 1.24 -0.50
CA ASN B 227 -9.22 0.12 -0.72
C ASN B 227 -8.81 -0.51 0.60
N SER B 228 -8.45 -1.78 0.55
CA SER B 228 -7.72 -2.41 1.65
C SER B 228 -6.58 -1.51 2.08
N VAL B 229 -6.35 -1.44 3.39
CA VAL B 229 -5.21 -0.69 3.93
C VAL B 229 -3.85 -1.27 3.52
N GLN B 230 -3.85 -2.46 2.94
CA GLN B 230 -2.65 -3.02 2.32
C GLN B 230 -2.19 -2.20 1.12
N LEU B 231 -3.10 -1.46 0.50
CA LEU B 231 -2.78 -0.67 -0.69
C LEU B 231 -2.56 0.80 -0.37
N THR B 232 -1.46 1.33 -0.88
CA THR B 232 -1.09 2.73 -0.70
C THR B 232 -2.14 3.67 -1.26
N PRO B 233 -2.62 4.64 -0.46
CA PRO B 233 -3.55 5.61 -1.01
C PRO B 233 -2.96 6.43 -2.16
N PHE B 234 -3.75 6.58 -3.21
CA PHE B 234 -3.38 7.42 -4.34
C PHE B 234 -3.16 8.85 -3.85
N GLU B 235 -4.15 9.37 -3.12
CA GLU B 235 -4.09 10.69 -2.51
C GLU B 235 -3.58 10.55 -1.08
N THR B 236 -2.57 11.33 -0.70
CA THR B 236 -2.07 11.34 0.68
C THR B 236 -2.57 12.57 1.40
N TYR B 237 -3.22 12.38 2.54
CA TYR B 237 -3.82 13.47 3.30
C TYR B 237 -2.92 13.97 4.44
N ARG B 238 -1.64 13.62 4.37
CA ARG B 238 -0.66 13.96 5.41
C ARG B 238 -0.35 15.46 5.55
N THR B 239 -0.69 16.26 4.54
CA THR B 239 -0.45 17.72 4.61
C THR B 239 -1.67 18.49 5.11
N MET B 240 -2.75 17.79 5.46
CA MET B 240 -3.91 18.42 6.07
C MET B 240 -3.51 19.12 7.36
N PRO B 241 -3.98 20.38 7.56
CA PRO B 241 -3.70 21.06 8.81
C PRO B 241 -4.22 20.26 10.01
N ARG B 242 -3.47 20.26 11.10
CA ARG B 242 -3.83 19.48 12.28
C ARG B 242 -5.22 19.84 12.81
N GLU B 243 -5.57 21.12 12.77
CA GLU B 243 -6.89 21.54 13.24
C GLU B 243 -8.02 20.97 12.37
N MET B 244 -7.78 20.84 11.07
CA MET B 244 -8.74 20.17 10.18
C MET B 244 -8.85 18.68 10.51
N VAL B 245 -7.70 18.01 10.69
CA VAL B 245 -7.68 16.58 10.99
C VAL B 245 -8.43 16.29 12.29
N GLU B 246 -8.17 17.09 13.31
CA GLU B 246 -8.77 16.88 14.63
C GLU B 246 -10.25 17.24 14.69
N SER B 247 -10.73 18.01 13.71
CA SER B 247 -12.17 18.30 13.59
C SER B 247 -12.96 17.13 13.01
N MET B 248 -12.28 16.13 12.44
CA MET B 248 -12.94 14.95 11.91
C MET B 248 -13.17 13.92 13.00
N THR B 249 -14.06 12.97 12.73
CA THR B 249 -14.28 11.85 13.62
C THR B 249 -13.15 10.83 13.46
N VAL B 250 -13.08 9.89 14.39
CA VAL B 250 -12.08 8.82 14.33
C VAL B 250 -12.20 8.07 13.00
N LEU B 251 -13.44 7.75 12.61
CA LEU B 251 -13.64 7.06 11.34
C LEU B 251 -13.10 7.86 10.17
N GLY B 252 -13.35 9.17 10.16
CA GLY B 252 -12.83 10.04 9.10
C GLY B 252 -11.31 10.03 9.05
N GLN B 253 -10.69 10.11 10.23
CA GLN B 253 -9.23 10.10 10.34
C GLN B 253 -8.65 8.78 9.84
N ARG B 254 -9.30 7.68 10.19
CA ARG B 254 -8.90 6.36 9.72
C ARG B 254 -9.00 6.27 8.20
N MET B 255 -10.06 6.81 7.63
CA MET B 255 -10.21 6.83 6.17
C MET B 255 -9.09 7.61 5.48
N LEU B 256 -8.65 8.71 6.10
CA LEU B 256 -7.67 9.59 5.46
C LEU B 256 -6.20 9.29 5.83
N GLY B 257 -5.92 8.13 6.41
CA GLY B 257 -4.55 7.67 6.61
C GLY B 257 -3.84 8.17 7.85
N TRP B 258 -4.58 8.80 8.76
CA TRP B 258 -4.01 9.44 9.94
C TRP B 258 -3.91 8.52 11.16
N ARG B 259 -4.35 7.27 11.01
CA ARG B 259 -4.30 6.30 12.09
C ARG B 259 -3.72 4.96 11.66
N THR B 260 -3.25 4.20 12.64
CA THR B 260 -2.80 2.84 12.41
C THR B 260 -4.01 1.98 12.07
N MET B 261 -3.84 1.06 11.12
CA MET B 261 -4.94 0.23 10.63
C MET B 261 -4.53 -1.25 10.69
N LYS B 262 -5.47 -2.12 10.36
CA LYS B 262 -5.31 -3.56 10.58
C LYS B 262 -5.73 -4.38 9.36
N PRO B 263 -4.75 -4.86 8.56
CA PRO B 263 -5.07 -5.86 7.55
C PRO B 263 -5.54 -7.16 8.23
N SER B 264 -6.16 -8.04 7.47
CA SER B 264 -6.62 -9.31 8.02
C SER B 264 -5.48 -10.11 8.64
N ASP B 265 -5.81 -10.93 9.63
CA ASP B 265 -4.91 -11.98 10.05
C ASP B 265 -4.62 -12.80 8.78
N PRO B 266 -3.37 -13.28 8.60
CA PRO B 266 -2.23 -13.38 9.51
C PRO B 266 -1.43 -12.12 9.82
N ASN B 267 -1.83 -10.95 9.34
CA ASN B 267 -1.22 -9.74 9.89
C ASN B 267 -1.87 -9.50 11.22
N ILE B 268 -1.17 -9.89 12.28
CA ILE B 268 -1.71 -9.83 13.64
C ILE B 268 -1.36 -8.51 14.37
N VAL B 269 -0.66 -7.61 13.68
CA VAL B 269 -0.11 -6.41 14.29
C VAL B 269 -0.82 -5.15 13.79
N GLY B 270 -0.78 -4.97 12.47
CA GLY B 270 -1.34 -3.77 11.85
C GLY B 270 -0.47 -3.25 10.73
N ILE B 271 -0.70 -1.99 10.38
CA ILE B 271 0.02 -1.34 9.28
C ILE B 271 -0.08 0.16 9.51
N ASN B 272 0.89 0.92 9.01
CA ASN B 272 0.90 2.38 9.18
C ASN B 272 1.15 2.77 10.64
N LEU B 273 2.26 2.29 11.19
CA LEU B 273 2.61 2.51 12.59
C LEU B 273 4.06 2.91 12.70
N ILE B 274 4.49 3.35 13.88
CA ILE B 274 5.87 3.76 14.08
C ILE B 274 6.24 3.67 15.56
N ASP B 275 7.51 3.34 15.82
CA ASP B 275 8.01 3.14 17.19
C ASP B 275 7.21 2.05 17.92
N ASP B 276 6.71 1.09 17.14
CA ASP B 276 5.82 0.03 17.62
C ASP B 276 4.59 0.57 18.35
N LYS B 277 4.15 1.76 17.94
CA LYS B 277 2.98 2.43 18.53
C LYS B 277 2.02 2.85 17.44
N ARG B 278 0.78 3.12 17.82
CA ARG B 278 -0.21 3.62 16.88
C ARG B 278 0.15 5.04 16.47
N LEU B 279 -0.02 5.32 15.18
CA LEU B 279 0.30 6.64 14.65
C LEU B 279 -0.40 7.76 15.42
N GLU B 280 -1.70 7.57 15.68
CA GLU B 280 -2.49 8.56 16.40
C GLU B 280 -2.02 8.80 17.84
N ASN B 281 -1.38 7.80 18.44
CA ASN B 281 -0.81 7.95 19.78
C ASN B 281 0.52 8.70 19.74
N VAL B 282 1.34 8.40 18.73
CA VAL B 282 2.59 9.12 18.55
C VAL B 282 2.31 10.61 18.26
N LEU B 283 1.27 10.87 17.46
CA LEU B 283 0.85 12.23 17.15
C LEU B 283 0.01 12.89 18.24
N GLN B 284 -0.45 12.12 19.24
CA GLN B 284 -1.38 12.61 20.27
C GLN B 284 -2.58 13.28 19.61
N LEU B 285 -3.18 12.55 18.67
CA LEU B 285 -4.21 13.10 17.80
C LEU B 285 -5.58 13.05 18.47
N LYS B 286 -6.21 14.22 18.61
CA LYS B 286 -7.60 14.30 19.04
C LYS B 286 -8.50 14.04 17.84
N ALA B 287 -9.76 13.70 18.13
CA ALA B 287 -10.80 13.62 17.11
C ALA B 287 -12.06 14.25 17.66
N ALA B 288 -13.00 14.57 16.77
CA ALA B 288 -14.27 15.15 17.19
C ALA B 288 -14.98 14.26 18.21
N ASP B 289 -14.89 12.95 18.01
CA ASP B 289 -15.61 11.99 18.86
C ASP B 289 -14.70 11.15 19.78
N SER B 290 -13.45 11.58 19.96
CA SER B 290 -12.55 10.91 20.90
C SER B 290 -11.35 11.78 21.23
N PRO B 291 -11.13 12.06 22.52
CA PRO B 291 -9.96 12.85 22.91
C PRO B 291 -8.70 12.01 22.98
FE FE2 C . 10.59 -15.04 7.50
FE FE2 D . -13.60 3.15 -13.62
#